data_1EI5
#
_entry.id   1EI5
#
_cell.length_a   82.860
_cell.length_b   82.860
_cell.length_c   204.650
_cell.angle_alpha   90.00
_cell.angle_beta   90.00
_cell.angle_gamma   90.00
#
_symmetry.space_group_name_H-M   'P 41 21 2'
#
loop_
_entity.id
_entity.type
_entity.pdbx_description
1 polymer D-AMINOPEPTIDASE
2 water water
#
_entity_poly.entity_id   1
_entity_poly.type   'polypeptide(L)'
_entity_poly.pdbx_seq_one_letter_code
;MSKFDTSALEAFVRHIPQNYKGPGGVVAVVKDGEVVLQHAWGFADLRTRTPMTLDTRMPICSVSKQFTCAVLLDAVGEPE
LLDDALEAYLDKFEDERPAVRDLCNNQSGLRDYWALSVLCGADPEGVFLPAQAQSLLRRLKTTHFEPGSHYSYCNGNFRI
LADLIEAHTGRTLVDILSERIFAPAGMKRAELISDTALFDECTGYEGDTVRGFLPATNRIQWMGDAGICASLNDMIAWEQ
FIDATRDDESGLYRRLSGPQTFKDGVAAPYGFGLNLHETGGKRLTGHGGALRGWRCQRWHCADERLSTIAMFNFEGGASE
VAFKLMNIALGVSSSEVSRVEADSAWFGSWLDDETGLVLSLEDAGHGRMKARFGTSPEMMDVVSANEARSAVTTIRRDGE
TIELVRASENLRLSMKRVKGEAKHDIIGRYHSDELDADLLLVSEGGAIYGAFEGFLGKSDMYPLYSVGSDVWLLPVQRSM
DAPSPGEWKLVFRRDDKGEITGLSVGCWLARGVEYRRVQP
;
_entity_poly.pdbx_strand_id   A
#
# COMPACT_ATOMS: atom_id res chain seq x y z
N LYS A 3 -14.80 2.29 35.43
CA LYS A 3 -14.69 3.34 34.37
C LYS A 3 -13.33 3.17 33.70
N PHE A 4 -13.32 2.89 32.41
CA PHE A 4 -12.02 2.71 31.73
C PHE A 4 -11.32 4.07 31.78
N ASP A 5 -10.16 4.14 32.40
CA ASP A 5 -9.43 5.39 32.57
C ASP A 5 -8.82 5.88 31.26
N THR A 6 -9.30 7.01 30.75
CA THR A 6 -8.80 7.57 29.50
C THR A 6 -7.84 8.74 29.71
N SER A 7 -7.31 8.97 30.90
CA SER A 7 -6.44 10.11 31.13
C SER A 7 -5.21 10.17 30.24
N ALA A 8 -4.49 9.08 30.04
CA ALA A 8 -3.30 9.11 29.20
C ALA A 8 -3.71 9.21 27.72
N LEU A 9 -4.83 8.60 27.32
CA LEU A 9 -5.28 8.75 25.94
C LEU A 9 -5.63 10.21 25.65
N GLU A 10 -6.33 10.86 26.58
CA GLU A 10 -6.76 12.24 26.39
C GLU A 10 -5.56 13.18 26.30
N ALA A 11 -4.52 12.92 27.09
CA ALA A 11 -3.32 13.75 27.08
C ALA A 11 -2.60 13.62 25.71
N PHE A 12 -2.61 12.41 25.16
CA PHE A 12 -2.01 12.20 23.85
C PHE A 12 -2.86 12.93 22.80
N VAL A 13 -4.17 12.75 22.81
CA VAL A 13 -5.05 13.35 21.81
C VAL A 13 -4.96 14.86 21.79
N ARG A 14 -4.83 15.49 22.96
CA ARG A 14 -4.69 16.93 23.09
C ARG A 14 -3.45 17.45 22.37
N HIS A 15 -2.41 16.65 22.27
CA HIS A 15 -1.21 17.07 21.55
C HIS A 15 -1.14 16.59 20.11
N ILE A 16 -2.16 15.91 19.58
CA ILE A 16 -2.08 15.48 18.18
C ILE A 16 -1.87 16.62 17.19
N PRO A 17 -2.58 17.72 17.27
CA PRO A 17 -2.46 18.78 16.25
C PRO A 17 -1.04 19.32 16.19
N GLN A 18 -0.32 19.37 17.31
CA GLN A 18 1.05 19.87 17.28
C GLN A 18 2.06 18.84 16.79
N ASN A 19 1.82 17.54 16.99
CA ASN A 19 2.75 16.52 16.59
C ASN A 19 2.45 16.00 15.19
N TYR A 20 1.19 16.07 14.76
CA TYR A 20 0.78 15.53 13.44
C TYR A 20 0.13 16.72 12.72
N LYS A 21 0.97 17.57 12.12
CA LYS A 21 0.54 18.84 11.60
C LYS A 21 -0.26 18.80 10.32
N GLY A 22 -1.47 19.38 10.34
CA GLY A 22 -2.33 19.35 9.15
C GLY A 22 -3.71 19.96 9.48
N PRO A 23 -4.54 20.09 8.44
CA PRO A 23 -5.79 20.80 8.58
C PRO A 23 -6.77 20.26 9.61
N GLY A 24 -7.00 18.94 9.60
CA GLY A 24 -8.02 18.42 10.56
C GLY A 24 -8.01 16.92 10.62
N GLY A 25 -8.80 16.38 11.56
CA GLY A 25 -8.85 14.93 11.70
C GLY A 25 -9.91 14.55 12.74
N VAL A 26 -10.04 13.23 12.90
CA VAL A 26 -10.95 12.64 13.88
C VAL A 26 -10.30 11.39 14.47
N VAL A 27 -10.57 11.11 15.74
CA VAL A 27 -9.98 9.90 16.34
C VAL A 27 -11.04 9.27 17.25
N ALA A 28 -10.97 7.95 17.47
CA ALA A 28 -11.91 7.40 18.45
C ALA A 28 -11.23 6.19 19.09
N VAL A 29 -11.66 5.83 20.28
CA VAL A 29 -11.24 4.64 21.00
C VAL A 29 -12.54 4.00 21.50
N VAL A 30 -12.70 2.71 21.24
CA VAL A 30 -13.90 1.95 21.61
C VAL A 30 -13.39 0.83 22.55
N LYS A 31 -13.99 0.70 23.71
CA LYS A 31 -13.55 -0.35 24.66
C LYS A 31 -14.78 -1.11 25.17
N ASP A 32 -14.76 -2.44 25.07
CA ASP A 32 -15.94 -3.21 25.46
C ASP A 32 -17.21 -2.77 24.74
N GLY A 33 -17.15 -2.32 23.50
CA GLY A 33 -18.31 -1.90 22.76
C GLY A 33 -18.79 -0.47 23.08
N GLU A 34 -18.16 0.24 23.97
CA GLU A 34 -18.53 1.61 24.33
C GLU A 34 -17.52 2.62 23.76
N VAL A 35 -18.06 3.77 23.33
CA VAL A 35 -17.15 4.80 22.83
C VAL A 35 -16.50 5.47 24.03
N VAL A 36 -15.20 5.35 24.30
CA VAL A 36 -14.63 5.98 25.46
C VAL A 36 -13.87 7.27 25.11
N LEU A 37 -13.61 7.44 23.81
CA LEU A 37 -12.94 8.67 23.38
C LEU A 37 -13.41 8.95 21.95
N GLN A 38 -13.85 10.18 21.69
CA GLN A 38 -14.34 10.50 20.33
C GLN A 38 -14.03 11.99 20.11
N HIS A 39 -13.19 12.37 19.12
CA HIS A 39 -12.87 13.79 19.03
C HIS A 39 -12.61 14.25 17.60
N ALA A 40 -13.10 15.45 17.28
CA ALA A 40 -12.80 16.03 15.97
C ALA A 40 -12.04 17.33 16.19
N TRP A 41 -11.11 17.65 15.29
CA TRP A 41 -10.44 18.96 15.41
C TRP A 41 -10.21 19.53 14.00
N GLY A 42 -9.97 20.84 13.97
CA GLY A 42 -9.64 21.49 12.73
C GLY A 42 -10.75 21.60 11.68
N PHE A 43 -10.32 21.77 10.43
CA PHE A 43 -11.20 22.03 9.32
C PHE A 43 -11.25 20.93 8.27
N ALA A 44 -12.43 20.72 7.70
CA ALA A 44 -12.64 19.86 6.56
C ALA A 44 -12.20 20.60 5.30
N ASP A 45 -12.29 21.94 5.35
CA ASP A 45 -11.84 22.77 4.23
C ASP A 45 -11.35 24.11 4.80
N LEU A 46 -10.08 24.43 4.55
CA LEU A 46 -9.47 25.64 5.09
C LEU A 46 -9.92 26.94 4.41
N ARG A 47 -10.42 26.89 3.19
CA ARG A 47 -10.84 28.07 2.44
C ARG A 47 -12.32 28.42 2.70
N THR A 48 -13.20 27.40 2.68
CA THR A 48 -14.60 27.67 3.04
C THR A 48 -14.75 27.72 4.57
N ARG A 49 -13.72 27.33 5.32
CA ARG A 49 -13.73 27.37 6.78
C ARG A 49 -14.81 26.45 7.35
N THR A 50 -14.98 25.28 6.74
CA THR A 50 -15.96 24.31 7.23
C THR A 50 -15.29 23.40 8.25
N PRO A 51 -15.75 23.42 9.49
CA PRO A 51 -15.10 22.65 10.53
C PRO A 51 -15.21 21.15 10.28
N MET A 52 -14.26 20.42 10.82
CA MET A 52 -14.31 18.95 10.78
C MET A 52 -15.29 18.49 11.88
N THR A 53 -16.14 17.50 11.56
CA THR A 53 -17.09 17.01 12.56
C THR A 53 -17.00 15.49 12.68
N LEU A 54 -17.68 14.95 13.70
CA LEU A 54 -17.74 13.50 13.88
C LEU A 54 -18.60 12.85 12.81
N ASP A 55 -19.42 13.60 12.05
CA ASP A 55 -20.20 13.02 10.98
C ASP A 55 -19.71 13.41 9.60
N THR A 56 -18.49 13.96 9.52
CA THR A 56 -17.93 14.30 8.20
C THR A 56 -17.42 13.04 7.51
N ARG A 57 -17.96 12.69 6.36
CA ARG A 57 -17.50 11.50 5.65
C ARG A 57 -16.19 11.76 4.92
N MET A 58 -15.35 10.73 4.81
CA MET A 58 -14.09 10.82 4.08
C MET A 58 -13.91 9.47 3.37
N PRO A 59 -13.09 9.40 2.34
CA PRO A 59 -12.82 8.14 1.68
C PRO A 59 -11.99 7.29 2.66
N ILE A 60 -12.35 6.05 2.90
CA ILE A 60 -11.53 5.20 3.80
C ILE A 60 -10.56 4.36 2.97
N CYS A 61 -10.60 4.53 1.66
CA CYS A 61 -9.62 3.93 0.77
C CYS A 61 -9.41 2.46 1.04
N SER A 62 -8.16 2.01 1.27
CA SER A 62 -7.91 0.58 1.46
C SER A 62 -8.53 -0.06 2.67
N VAL A 63 -9.16 0.65 3.59
CA VAL A 63 -9.92 0.03 4.69
C VAL A 63 -11.14 -0.62 4.06
N SER A 64 -11.46 -0.32 2.77
CA SER A 64 -12.56 -1.00 2.10
C SER A 64 -12.29 -2.47 1.80
N LYS A 65 -11.02 -2.91 1.72
CA LYS A 65 -10.75 -4.29 1.32
C LYS A 65 -11.40 -5.34 2.23
N GLN A 66 -11.43 -5.08 3.53
CA GLN A 66 -12.01 -6.04 4.48
C GLN A 66 -13.52 -6.14 4.25
N PHE A 67 -14.13 -5.03 3.83
CA PHE A 67 -15.58 -5.05 3.55
C PHE A 67 -15.82 -5.85 2.27
N THR A 68 -14.91 -5.79 1.28
CA THR A 68 -15.17 -6.63 0.11
C THR A 68 -15.00 -8.10 0.43
N CYS A 69 -14.08 -8.50 1.29
CA CYS A 69 -14.01 -9.93 1.67
C CYS A 69 -15.21 -10.30 2.53
N ALA A 70 -15.72 -9.42 3.39
CA ALA A 70 -16.92 -9.69 4.17
C ALA A 70 -18.10 -9.96 3.24
N VAL A 71 -18.27 -9.15 2.19
CA VAL A 71 -19.31 -9.38 1.20
C VAL A 71 -19.15 -10.74 0.53
N LEU A 72 -17.89 -11.06 0.14
CA LEU A 72 -17.61 -12.36 -0.44
C LEU A 72 -18.12 -13.49 0.46
N LEU A 73 -17.76 -13.50 1.73
CA LEU A 73 -18.15 -14.60 2.60
C LEU A 73 -19.66 -14.63 2.88
N ASP A 74 -20.24 -13.44 3.02
CA ASP A 74 -21.66 -13.35 3.31
C ASP A 74 -22.54 -13.69 2.12
N ALA A 75 -22.24 -13.16 0.94
CA ALA A 75 -23.12 -13.32 -0.21
C ALA A 75 -22.73 -14.39 -1.22
N VAL A 76 -21.50 -14.88 -1.17
CA VAL A 76 -21.04 -15.89 -2.12
C VAL A 76 -20.70 -17.16 -1.36
N GLY A 77 -19.78 -17.11 -0.43
CA GLY A 77 -19.34 -18.25 0.34
C GLY A 77 -17.81 -18.24 0.34
N GLU A 78 -17.17 -19.40 0.39
CA GLU A 78 -15.72 -19.43 0.38
C GLU A 78 -15.16 -19.01 -0.96
N PRO A 79 -13.93 -18.50 -0.98
CA PRO A 79 -13.32 -18.02 -2.22
C PRO A 79 -13.23 -19.04 -3.33
N GLU A 80 -13.14 -20.32 -2.98
CA GLU A 80 -13.10 -21.42 -3.97
C GLU A 80 -14.27 -21.45 -4.91
N LEU A 81 -15.44 -20.94 -4.54
CA LEU A 81 -16.58 -20.82 -5.44
C LEU A 81 -16.36 -19.90 -6.62
N LEU A 82 -15.36 -19.01 -6.57
CA LEU A 82 -15.10 -18.09 -7.68
C LEU A 82 -13.90 -18.45 -8.53
N ASP A 83 -13.19 -19.55 -8.26
CA ASP A 83 -12.01 -19.96 -8.99
C ASP A 83 -12.25 -20.19 -10.47
N ASP A 84 -13.41 -20.79 -10.83
CA ASP A 84 -13.75 -20.95 -12.25
C ASP A 84 -13.90 -19.59 -12.93
N ALA A 85 -14.58 -18.64 -12.26
CA ALA A 85 -14.78 -17.32 -12.84
C ALA A 85 -13.45 -16.56 -12.96
N LEU A 86 -12.52 -16.77 -12.01
CA LEU A 86 -11.21 -16.11 -12.14
C LEU A 86 -10.49 -16.62 -13.37
N GLU A 87 -10.63 -17.92 -13.69
CA GLU A 87 -9.98 -18.48 -14.86
C GLU A 87 -10.46 -17.78 -16.13
N ALA A 88 -11.76 -17.48 -16.22
CA ALA A 88 -12.28 -16.80 -17.39
C ALA A 88 -11.92 -15.32 -17.40
N TYR A 89 -11.74 -14.72 -16.23
CA TYR A 89 -11.42 -13.28 -16.19
C TYR A 89 -9.99 -13.06 -16.62
N LEU A 90 -9.07 -13.85 -16.06
CA LEU A 90 -7.65 -13.76 -16.49
C LEU A 90 -7.47 -14.75 -17.63
N ASP A 91 -8.14 -14.50 -18.74
CA ASP A 91 -8.15 -15.46 -19.85
C ASP A 91 -6.86 -15.54 -20.63
N LYS A 92 -5.94 -14.59 -20.54
CA LYS A 92 -4.69 -14.66 -21.26
C LYS A 92 -3.53 -15.12 -20.36
N PHE A 93 -3.83 -15.58 -19.15
CA PHE A 93 -2.74 -15.93 -18.23
C PHE A 93 -1.84 -17.02 -18.75
N GLU A 94 -0.52 -16.81 -18.66
CA GLU A 94 0.44 -17.77 -19.17
C GLU A 94 1.08 -18.60 -18.08
N ASP A 95 1.02 -18.11 -16.84
CA ASP A 95 1.59 -18.81 -15.71
C ASP A 95 0.43 -19.47 -14.94
N GLU A 96 0.78 -20.16 -13.86
CA GLU A 96 -0.27 -20.75 -13.05
C GLU A 96 -1.07 -19.59 -12.41
N ARG A 97 -2.38 -19.58 -12.56
CA ARG A 97 -3.15 -18.50 -11.92
C ARG A 97 -3.22 -18.70 -10.41
N PRO A 98 -3.25 -17.60 -9.63
CA PRO A 98 -3.42 -17.68 -8.21
C PRO A 98 -4.84 -18.16 -7.92
N ALA A 99 -5.04 -18.69 -6.72
CA ALA A 99 -6.39 -19.06 -6.31
C ALA A 99 -7.11 -17.76 -5.88
N VAL A 100 -8.44 -17.72 -5.88
CA VAL A 100 -9.14 -16.55 -5.33
C VAL A 100 -8.77 -16.33 -3.88
N ARG A 101 -8.54 -17.39 -3.11
CA ARG A 101 -8.07 -17.29 -1.73
C ARG A 101 -6.72 -16.55 -1.69
N ASP A 102 -5.83 -16.78 -2.70
CA ASP A 102 -4.57 -16.02 -2.66
C ASP A 102 -4.79 -14.52 -2.92
N LEU A 103 -5.79 -14.17 -3.72
CA LEU A 103 -6.17 -12.78 -3.94
C LEU A 103 -6.55 -12.14 -2.60
N CYS A 104 -7.42 -12.81 -1.83
CA CYS A 104 -7.85 -12.30 -0.53
C CYS A 104 -6.73 -12.08 0.47
N ASN A 105 -5.69 -12.93 0.43
CA ASN A 105 -4.59 -12.87 1.37
C ASN A 105 -3.36 -12.13 0.86
N ASN A 106 -3.43 -11.50 -0.30
CA ASN A 106 -2.23 -10.82 -0.81
C ASN A 106 -1.04 -11.77 -0.95
N GLN A 107 -1.29 -12.96 -1.49
CA GLN A 107 -0.20 -13.91 -1.77
C GLN A 107 -0.32 -14.31 -3.23
N SER A 108 -0.96 -13.45 -4.05
CA SER A 108 -1.28 -13.85 -5.41
C SER A 108 -0.12 -13.88 -6.40
N GLY A 109 0.87 -13.01 -6.24
CA GLY A 109 1.96 -12.90 -7.23
C GLY A 109 1.61 -11.89 -8.32
N LEU A 110 0.38 -11.36 -8.36
CA LEU A 110 0.06 -10.37 -9.38
C LEU A 110 0.79 -9.05 -9.05
N ARG A 111 1.20 -8.34 -10.09
CA ARG A 111 1.81 -7.01 -9.94
C ARG A 111 0.67 -5.99 -9.76
N ASP A 112 0.90 -5.03 -8.87
CA ASP A 112 -0.13 -4.03 -8.55
C ASP A 112 -0.58 -3.22 -9.76
N TYR A 113 -1.89 -3.17 -10.06
CA TYR A 113 -2.28 -2.43 -11.26
C TYR A 113 -2.13 -0.92 -11.16
N TRP A 114 -2.25 -0.34 -9.96
CA TRP A 114 -2.02 1.11 -9.86
C TRP A 114 -0.57 1.43 -10.15
N ALA A 115 0.38 0.59 -9.69
CA ALA A 115 1.79 0.87 -10.10
C ALA A 115 1.94 0.66 -11.60
N LEU A 116 1.30 -0.40 -12.17
CA LEU A 116 1.38 -0.59 -13.62
C LEU A 116 0.73 0.50 -14.45
N SER A 117 -0.27 1.20 -13.90
CA SER A 117 -0.92 2.30 -14.60
C SER A 117 0.08 3.40 -14.89
N VAL A 118 1.09 3.62 -14.03
CA VAL A 118 2.14 4.61 -14.32
C VAL A 118 2.90 4.19 -15.57
N LEU A 119 3.23 2.89 -15.68
CA LEU A 119 3.97 2.42 -16.86
C LEU A 119 3.13 2.50 -18.13
N CYS A 120 1.82 2.49 -18.04
CA CYS A 120 0.93 2.62 -19.19
C CYS A 120 0.61 4.08 -19.55
N GLY A 121 1.27 5.03 -18.92
CA GLY A 121 1.16 6.44 -19.30
C GLY A 121 0.10 7.25 -18.59
N ALA A 122 -0.40 6.73 -17.47
CA ALA A 122 -1.47 7.45 -16.77
C ALA A 122 -1.03 8.81 -16.22
N ASP A 123 -1.96 9.77 -16.27
CA ASP A 123 -1.71 11.08 -15.64
C ASP A 123 -2.01 10.86 -14.17
N PRO A 124 -1.25 11.41 -13.25
CA PRO A 124 -1.49 11.24 -11.81
C PRO A 124 -2.84 11.78 -11.37
N GLU A 125 -3.35 12.81 -12.05
CA GLU A 125 -4.66 13.36 -11.72
C GLU A 125 -5.70 13.03 -12.80
N GLY A 126 -5.45 11.99 -13.56
CA GLY A 126 -6.33 11.58 -14.64
C GLY A 126 -7.58 10.85 -14.18
N VAL A 127 -8.55 10.84 -15.09
CA VAL A 127 -9.80 10.09 -14.94
C VAL A 127 -9.43 8.63 -15.21
N PHE A 128 -9.95 7.68 -14.46
CA PHE A 128 -9.64 6.26 -14.72
C PHE A 128 -10.96 5.51 -14.64
N LEU A 129 -11.44 4.97 -15.76
CA LEU A 129 -12.76 4.37 -15.80
C LEU A 129 -12.76 2.87 -15.57
N PRO A 130 -13.91 2.30 -15.25
CA PRO A 130 -14.05 0.86 -15.09
C PRO A 130 -13.61 0.11 -16.33
N ALA A 131 -13.86 0.60 -17.53
CA ALA A 131 -13.37 -0.11 -18.74
C ALA A 131 -11.83 -0.13 -18.83
N GLN A 132 -11.18 0.93 -18.32
CA GLN A 132 -9.71 0.94 -18.31
C GLN A 132 -9.17 0.01 -17.24
N ALA A 133 -9.81 -0.06 -16.07
CA ALA A 133 -9.38 -1.03 -15.05
C ALA A 133 -9.41 -2.45 -15.63
N GLN A 134 -10.53 -2.84 -16.25
CA GLN A 134 -10.63 -4.19 -16.80
C GLN A 134 -9.63 -4.43 -17.93
N SER A 135 -9.42 -3.43 -18.80
CA SER A 135 -8.47 -3.57 -19.88
C SER A 135 -7.06 -3.85 -19.36
N LEU A 136 -6.71 -3.17 -18.26
CA LEU A 136 -5.36 -3.39 -17.69
C LEU A 136 -5.30 -4.70 -16.92
N LEU A 137 -6.34 -5.00 -16.13
CA LEU A 137 -6.27 -6.24 -15.34
C LEU A 137 -6.34 -7.49 -16.21
N ARG A 138 -7.18 -7.46 -17.24
CA ARG A 138 -7.39 -8.66 -18.08
C ARG A 138 -6.28 -8.86 -19.09
N ARG A 139 -5.35 -7.92 -19.27
CA ARG A 139 -4.21 -8.18 -20.14
C ARG A 139 -3.06 -8.83 -19.38
N LEU A 140 -3.09 -8.91 -18.06
CA LEU A 140 -2.00 -9.51 -17.29
C LEU A 140 -1.83 -10.99 -17.65
N LYS A 141 -0.56 -11.40 -17.76
CA LYS A 141 -0.23 -12.75 -18.18
C LYS A 141 0.65 -13.48 -17.19
N THR A 142 1.45 -12.77 -16.39
CA THR A 142 2.43 -13.41 -15.53
C THR A 142 2.40 -12.91 -14.11
N THR A 143 3.01 -13.65 -13.20
CA THR A 143 3.15 -13.24 -11.80
C THR A 143 4.60 -12.85 -11.51
N HIS A 144 4.85 -12.16 -10.40
CA HIS A 144 6.25 -11.85 -10.08
C HIS A 144 6.79 -12.78 -8.99
N PHE A 145 6.00 -13.72 -8.49
CA PHE A 145 6.48 -14.78 -7.60
C PHE A 145 5.42 -15.88 -7.64
N GLU A 146 5.73 -17.10 -7.18
CA GLU A 146 4.72 -18.16 -7.23
C GLU A 146 3.62 -17.87 -6.24
N PRO A 147 2.36 -18.05 -6.62
CA PRO A 147 1.26 -17.80 -5.70
C PRO A 147 1.44 -18.59 -4.41
N GLY A 148 1.21 -17.94 -3.27
CA GLY A 148 1.34 -18.58 -1.96
C GLY A 148 2.74 -18.62 -1.40
N SER A 149 3.74 -18.23 -2.17
CA SER A 149 5.13 -18.34 -1.72
C SER A 149 5.60 -17.11 -0.95
N HIS A 150 4.99 -15.95 -1.22
CA HIS A 150 5.42 -14.70 -0.61
C HIS A 150 4.17 -13.78 -0.44
N TYR A 151 4.36 -12.67 0.25
CA TYR A 151 3.32 -11.66 0.36
C TYR A 151 3.75 -10.42 -0.42
N SER A 152 2.84 -9.76 -1.14
CA SER A 152 3.09 -8.44 -1.68
C SER A 152 1.71 -7.76 -1.76
N TYR A 153 1.71 -6.45 -1.47
CA TYR A 153 0.40 -5.75 -1.45
C TYR A 153 -0.06 -5.48 -2.84
N CYS A 154 -1.23 -5.99 -3.24
CA CYS A 154 -1.66 -5.81 -4.62
C CYS A 154 -3.11 -5.39 -4.67
N ASN A 155 -3.35 -4.13 -5.03
CA ASN A 155 -4.73 -3.65 -5.10
C ASN A 155 -5.51 -4.42 -6.16
N GLY A 156 -4.88 -4.87 -7.26
CA GLY A 156 -5.62 -5.60 -8.28
C GLY A 156 -6.37 -6.82 -7.78
N ASN A 157 -5.82 -7.51 -6.79
CA ASN A 157 -6.50 -8.66 -6.20
C ASN A 157 -7.93 -8.32 -5.80
N PHE A 158 -8.08 -7.16 -5.13
CA PHE A 158 -9.39 -6.74 -4.63
C PHE A 158 -10.30 -6.08 -5.67
N ARG A 159 -9.69 -5.45 -6.67
CA ARG A 159 -10.49 -4.87 -7.75
C ARG A 159 -11.06 -6.01 -8.62
N ILE A 160 -10.26 -7.07 -8.81
CA ILE A 160 -10.79 -8.25 -9.55
C ILE A 160 -11.91 -8.90 -8.74
N LEU A 161 -11.74 -9.07 -7.42
CA LEU A 161 -12.73 -9.66 -6.56
C LEU A 161 -14.10 -8.97 -6.70
N ALA A 162 -14.08 -7.65 -6.72
CA ALA A 162 -15.33 -6.89 -6.87
C ALA A 162 -16.07 -7.29 -8.16
N ASP A 163 -15.33 -7.40 -9.26
CA ASP A 163 -15.95 -7.78 -10.54
C ASP A 163 -16.51 -9.20 -10.48
N LEU A 164 -15.78 -10.11 -9.83
CA LEU A 164 -16.22 -11.50 -9.70
C LEU A 164 -17.49 -11.60 -8.86
N ILE A 165 -17.52 -10.83 -7.78
CA ILE A 165 -18.71 -10.83 -6.91
C ILE A 165 -19.93 -10.30 -7.65
N GLU A 166 -19.82 -9.18 -8.37
CA GLU A 166 -20.97 -8.63 -9.06
C GLU A 166 -21.50 -9.60 -10.13
N ALA A 167 -20.58 -10.21 -10.89
CA ALA A 167 -21.02 -11.17 -11.91
C ALA A 167 -21.65 -12.41 -11.32
N HIS A 168 -21.15 -12.99 -10.24
CA HIS A 168 -21.72 -14.19 -9.66
C HIS A 168 -23.11 -13.99 -9.05
N THR A 169 -23.28 -12.85 -8.45
CA THR A 169 -24.49 -12.44 -7.72
C THR A 169 -25.50 -11.74 -8.59
N GLY A 170 -25.11 -11.05 -9.65
CA GLY A 170 -25.98 -10.27 -10.51
C GLY A 170 -26.46 -9.00 -9.83
N ARG A 171 -25.75 -8.56 -8.79
CA ARG A 171 -26.06 -7.36 -8.03
C ARG A 171 -24.80 -6.49 -7.99
N THR A 172 -25.01 -5.25 -7.69
CA THR A 172 -23.94 -4.24 -7.59
C THR A 172 -23.29 -4.33 -6.23
N LEU A 173 -21.96 -4.06 -6.16
CA LEU A 173 -21.32 -4.03 -4.84
C LEU A 173 -21.93 -2.91 -4.00
N VAL A 174 -22.31 -1.78 -4.61
CA VAL A 174 -22.97 -0.70 -3.89
C VAL A 174 -24.14 -1.24 -3.08
N ASP A 175 -25.07 -1.92 -3.75
CA ASP A 175 -26.24 -2.48 -3.10
C ASP A 175 -25.96 -3.58 -2.08
N ILE A 176 -25.05 -4.51 -2.36
CA ILE A 176 -24.75 -5.59 -1.41
C ILE A 176 -24.12 -5.09 -0.13
N LEU A 177 -23.17 -4.15 -0.25
CA LEU A 177 -22.56 -3.57 0.95
C LEU A 177 -23.65 -2.91 1.80
N SER A 178 -24.50 -2.09 1.16
CA SER A 178 -25.54 -1.40 1.88
C SER A 178 -26.48 -2.37 2.60
N GLU A 179 -27.01 -3.33 1.85
CA GLU A 179 -27.96 -4.29 2.44
C GLU A 179 -27.36 -5.30 3.39
N ARG A 180 -26.23 -5.91 3.05
CA ARG A 180 -25.68 -6.95 3.91
C ARG A 180 -24.68 -6.52 4.95
N ILE A 181 -24.03 -5.37 4.84
CA ILE A 181 -22.99 -5.00 5.80
C ILE A 181 -23.32 -3.71 6.54
N PHE A 182 -23.55 -2.62 5.82
CA PHE A 182 -23.79 -1.34 6.50
C PHE A 182 -25.08 -1.31 7.30
N ALA A 183 -26.18 -1.85 6.76
CA ALA A 183 -27.43 -1.79 7.57
C ALA A 183 -27.35 -2.56 8.87
N PRO A 184 -26.93 -3.82 8.88
CA PRO A 184 -26.80 -4.63 10.09
C PRO A 184 -25.78 -4.10 11.06
N ALA A 185 -24.66 -3.53 10.55
CA ALA A 185 -23.68 -2.95 11.45
C ALA A 185 -24.06 -1.56 11.97
N GLY A 186 -25.12 -0.91 11.48
CA GLY A 186 -25.51 0.41 12.00
C GLY A 186 -24.63 1.54 11.46
N MET A 187 -24.04 1.31 10.29
CA MET A 187 -23.18 2.32 9.63
C MET A 187 -24.11 3.13 8.74
N LYS A 188 -24.79 4.09 9.36
CA LYS A 188 -25.87 4.81 8.72
C LYS A 188 -25.55 5.62 7.50
N ARG A 189 -24.35 6.22 7.40
CA ARG A 189 -24.07 7.01 6.21
C ARG A 189 -22.95 6.45 5.36
N ALA A 190 -22.50 5.23 5.66
CA ALA A 190 -21.39 4.67 4.86
C ALA A 190 -21.91 4.37 3.47
N GLU A 191 -21.09 4.59 2.44
CA GLU A 191 -21.54 4.37 1.07
C GLU A 191 -20.33 4.06 0.17
N LEU A 192 -20.56 3.19 -0.81
CA LEU A 192 -19.51 3.00 -1.84
C LEU A 192 -19.68 4.09 -2.88
N ILE A 193 -18.74 5.03 -2.97
CA ILE A 193 -18.83 6.11 -3.96
C ILE A 193 -17.59 5.89 -4.84
N SER A 194 -17.79 5.09 -5.88
CA SER A 194 -16.68 4.67 -6.71
C SER A 194 -15.99 5.78 -7.46
N ASP A 195 -16.72 6.85 -7.83
CA ASP A 195 -16.12 7.94 -8.56
C ASP A 195 -15.63 9.00 -7.61
N THR A 196 -14.32 9.04 -7.42
CA THR A 196 -13.66 9.97 -6.49
C THR A 196 -13.85 11.40 -6.94
N ALA A 197 -14.11 11.68 -8.22
CA ALA A 197 -14.35 13.07 -8.66
C ALA A 197 -15.67 13.62 -8.12
N LEU A 198 -16.61 12.81 -7.73
CA LEU A 198 -17.90 13.26 -7.22
C LEU A 198 -17.90 13.59 -5.74
N PHE A 199 -16.86 13.15 -5.02
CA PHE A 199 -16.83 13.35 -3.58
C PHE A 199 -16.37 14.77 -3.24
N ASP A 200 -17.23 15.53 -2.54
CA ASP A 200 -16.82 16.87 -2.15
C ASP A 200 -17.26 17.24 -0.74
N GLU A 201 -17.62 16.30 0.13
CA GLU A 201 -18.06 16.64 1.48
C GLU A 201 -16.92 17.01 2.42
N CYS A 202 -15.70 16.67 2.00
CA CYS A 202 -14.54 17.02 2.81
C CYS A 202 -13.41 17.21 1.80
N THR A 203 -12.47 18.10 2.06
CA THR A 203 -11.36 18.25 1.10
C THR A 203 -10.10 17.65 1.68
N GLY A 204 -9.38 16.96 0.79
CA GLY A 204 -8.12 16.32 1.25
C GLY A 204 -7.00 17.25 0.77
N TYR A 205 -5.87 17.24 1.49
CA TYR A 205 -4.77 18.15 1.20
C TYR A 205 -3.44 17.41 1.00
N GLU A 206 -2.75 17.73 -0.07
CA GLU A 206 -1.40 17.18 -0.27
C GLU A 206 -0.41 18.12 0.41
N GLY A 207 0.78 17.67 0.73
CA GLY A 207 1.78 18.60 1.30
C GLY A 207 2.07 18.32 2.76
N ASP A 208 2.68 19.30 3.42
CA ASP A 208 3.11 19.17 4.81
C ASP A 208 3.42 20.55 5.34
N THR A 209 3.75 20.59 6.62
CA THR A 209 3.99 21.89 7.29
C THR A 209 5.14 22.70 6.73
N VAL A 210 6.08 22.06 6.04
CA VAL A 210 7.20 22.82 5.47
C VAL A 210 6.89 23.29 4.05
N ARG A 211 6.34 22.43 3.22
CA ARG A 211 5.99 22.75 1.84
C ARG A 211 4.70 23.56 1.73
N GLY A 212 3.80 23.42 2.69
CA GLY A 212 2.46 24.03 2.56
C GLY A 212 1.46 22.93 2.15
N PHE A 213 0.18 23.23 2.36
CA PHE A 213 -0.89 22.27 2.02
C PHE A 213 -1.65 22.71 0.80
N LEU A 214 -1.94 21.80 -0.13
CA LEU A 214 -2.65 22.12 -1.37
C LEU A 214 -3.83 21.16 -1.49
N PRO A 215 -4.98 21.67 -1.86
CA PRO A 215 -6.15 20.81 -2.06
C PRO A 215 -5.86 19.76 -3.10
N ALA A 216 -6.27 18.49 -2.84
CA ALA A 216 -5.99 17.43 -3.78
C ALA A 216 -7.11 17.23 -4.80
N THR A 217 -6.75 16.90 -6.04
CA THR A 217 -7.81 16.55 -6.99
C THR A 217 -7.57 15.09 -7.37
N ASN A 218 -8.62 14.30 -7.26
CA ASN A 218 -8.56 12.87 -7.55
C ASN A 218 -9.72 12.62 -8.50
N ARG A 219 -9.52 11.84 -9.56
CA ARG A 219 -10.63 11.58 -10.49
C ARG A 219 -10.69 10.10 -10.86
N ILE A 220 -10.00 9.23 -10.12
CA ILE A 220 -10.06 7.80 -10.45
C ILE A 220 -11.38 7.19 -10.00
N GLN A 221 -11.76 6.09 -10.67
CA GLN A 221 -12.97 5.36 -10.20
C GLN A 221 -12.46 4.00 -9.72
N TRP A 222 -12.92 3.56 -8.55
CA TRP A 222 -12.42 2.27 -8.04
C TRP A 222 -13.48 1.58 -7.22
N MET A 223 -13.33 0.28 -6.96
CA MET A 223 -14.23 -0.45 -6.10
C MET A 223 -13.57 -1.76 -5.70
N GLY A 224 -13.84 -2.34 -4.54
CA GLY A 224 -13.23 -3.62 -4.17
C GLY A 224 -11.90 -3.31 -3.47
N ASP A 225 -10.99 -2.61 -4.12
CA ASP A 225 -9.73 -2.25 -3.42
C ASP A 225 -9.92 -1.01 -2.56
N ALA A 226 -10.95 -0.22 -2.84
CA ALA A 226 -11.22 1.03 -2.13
C ALA A 226 -12.63 1.53 -2.52
N GLY A 227 -12.98 2.75 -2.21
CA GLY A 227 -14.26 3.32 -2.67
C GLY A 227 -15.24 3.68 -1.56
N ILE A 228 -15.22 2.98 -0.43
CA ILE A 228 -16.15 3.36 0.64
C ILE A 228 -15.81 4.72 1.23
N CYS A 229 -16.83 5.54 1.47
CA CYS A 229 -16.72 6.82 2.16
C CYS A 229 -17.58 6.72 3.41
N ALA A 230 -17.04 7.15 4.53
CA ALA A 230 -17.76 6.99 5.80
C ALA A 230 -17.26 8.01 6.81
N SER A 231 -18.03 8.31 7.84
CA SER A 231 -17.61 9.27 8.83
C SER A 231 -17.00 8.52 10.00
N LEU A 232 -16.42 9.23 10.96
CA LEU A 232 -15.95 8.63 12.20
C LEU A 232 -17.08 7.85 12.89
N ASN A 233 -18.29 8.42 12.96
CA ASN A 233 -19.39 7.69 13.61
C ASN A 233 -19.72 6.40 12.88
N ASP A 234 -19.63 6.38 11.55
CA ASP A 234 -19.85 5.14 10.80
C ASP A 234 -18.80 4.12 11.22
N MET A 235 -17.53 4.56 11.29
CA MET A 235 -16.43 3.62 11.58
C MET A 235 -16.53 3.09 13.02
N ILE A 236 -16.98 3.93 13.93
CA ILE A 236 -17.26 3.50 15.30
C ILE A 236 -18.33 2.40 15.28
N ALA A 237 -19.40 2.54 14.50
CA ALA A 237 -20.43 1.49 14.45
C ALA A 237 -19.87 0.15 13.97
N TRP A 238 -18.93 0.16 13.03
CA TRP A 238 -18.25 -1.09 12.62
C TRP A 238 -17.49 -1.69 13.78
N GLU A 239 -16.72 -0.88 14.56
CA GLU A 239 -16.02 -1.44 15.70
C GLU A 239 -17.01 -2.02 16.72
N GLN A 240 -18.15 -1.35 16.92
CA GLN A 240 -19.14 -1.89 17.88
C GLN A 240 -19.77 -3.19 17.39
N PHE A 241 -20.02 -3.34 16.11
CA PHE A 241 -20.55 -4.56 15.50
C PHE A 241 -19.57 -5.73 15.69
N ILE A 242 -18.28 -5.43 15.52
CA ILE A 242 -17.21 -6.40 15.73
C ILE A 242 -17.26 -6.92 17.15
N ASP A 243 -17.36 -5.99 18.12
CA ASP A 243 -17.41 -6.41 19.52
C ASP A 243 -18.69 -7.16 19.83
N ALA A 244 -19.83 -6.74 19.27
CA ALA A 244 -21.08 -7.45 19.54
C ALA A 244 -21.07 -8.88 18.97
N THR A 245 -20.31 -9.12 17.90
CA THR A 245 -20.25 -10.45 17.29
C THR A 245 -18.97 -11.20 17.62
N ARG A 246 -18.19 -10.79 18.60
CA ARG A 246 -16.91 -11.37 18.93
C ARG A 246 -16.93 -12.85 19.30
N ASP A 247 -18.01 -13.31 19.94
CA ASP A 247 -18.07 -14.72 20.35
C ASP A 247 -18.67 -15.66 19.34
N ASP A 248 -19.06 -15.21 18.16
CA ASP A 248 -19.65 -16.09 17.16
C ASP A 248 -18.54 -16.60 16.26
N GLU A 249 -18.17 -17.87 16.40
CA GLU A 249 -17.11 -18.48 15.59
C GLU A 249 -17.43 -18.40 14.10
N SER A 250 -18.68 -18.45 13.70
CA SER A 250 -19.09 -18.31 12.32
C SER A 250 -19.47 -16.87 11.94
N GLY A 251 -19.17 -15.89 12.78
CA GLY A 251 -19.47 -14.49 12.51
C GLY A 251 -18.49 -13.95 11.44
N LEU A 252 -18.93 -12.96 10.69
CA LEU A 252 -18.15 -12.45 9.58
C LEU A 252 -16.76 -11.99 10.00
N TYR A 253 -16.66 -11.17 11.03
CA TYR A 253 -15.30 -10.66 11.34
C TYR A 253 -14.37 -11.75 11.86
N ARG A 254 -14.92 -12.65 12.68
CA ARG A 254 -14.09 -13.77 13.15
C ARG A 254 -13.60 -14.61 11.98
N ARG A 255 -14.38 -14.82 10.94
CA ARG A 255 -14.02 -15.56 9.76
C ARG A 255 -12.96 -14.81 8.93
N LEU A 256 -12.95 -13.48 8.96
CA LEU A 256 -11.93 -12.74 8.22
C LEU A 256 -10.57 -12.66 8.90
N SER A 257 -10.54 -12.74 10.23
CA SER A 257 -9.42 -12.37 11.04
C SER A 257 -8.58 -13.44 11.73
N GLY A 258 -8.71 -14.67 11.31
CA GLY A 258 -7.89 -15.75 11.87
C GLY A 258 -6.50 -15.75 11.23
N PRO A 259 -5.66 -16.66 11.70
CA PRO A 259 -4.29 -16.77 11.23
C PRO A 259 -4.20 -17.30 9.82
N GLN A 260 -3.13 -16.95 9.11
CA GLN A 260 -2.87 -17.40 7.76
C GLN A 260 -1.40 -17.81 7.71
N THR A 261 -1.10 -18.60 6.68
CA THR A 261 0.27 -19.05 6.45
C THR A 261 0.56 -18.98 4.96
N PHE A 262 1.84 -19.00 4.60
CA PHE A 262 2.31 -19.16 3.23
C PHE A 262 2.20 -20.65 2.89
N LYS A 263 2.49 -21.02 1.66
CA LYS A 263 2.35 -22.42 1.24
C LYS A 263 3.31 -23.37 1.95
N ASP A 264 4.42 -22.88 2.45
CA ASP A 264 5.38 -23.65 3.23
C ASP A 264 5.10 -23.67 4.72
N GLY A 265 3.95 -23.14 5.16
CA GLY A 265 3.52 -23.17 6.55
C GLY A 265 4.03 -22.03 7.42
N VAL A 266 4.85 -21.14 6.88
CA VAL A 266 5.39 -20.02 7.65
C VAL A 266 4.23 -19.02 7.86
N ALA A 267 4.18 -18.41 9.03
CA ALA A 267 3.11 -17.48 9.35
C ALA A 267 3.13 -16.27 8.42
N ALA A 268 1.95 -15.90 7.94
CA ALA A 268 1.79 -14.79 7.00
C ALA A 268 1.17 -13.60 7.72
N PRO A 269 1.31 -12.40 7.17
CA PRO A 269 0.90 -11.20 7.89
C PRO A 269 -0.39 -10.56 7.46
N TYR A 270 -1.16 -11.26 6.65
CA TYR A 270 -2.36 -10.67 6.05
C TYR A 270 -3.39 -11.75 5.77
N GLY A 271 -4.67 -11.38 5.92
CA GLY A 271 -5.70 -12.40 5.64
C GLY A 271 -6.99 -11.65 5.31
N PHE A 272 -7.69 -12.05 4.28
CA PHE A 272 -9.00 -11.48 3.95
C PHE A 272 -9.11 -9.97 4.16
N GLY A 273 -8.18 -9.20 3.57
CA GLY A 273 -8.32 -7.75 3.64
C GLY A 273 -7.91 -7.12 4.97
N LEU A 274 -7.20 -7.85 5.82
CA LEU A 274 -6.74 -7.35 7.10
C LEU A 274 -5.25 -7.58 7.34
N ASN A 275 -4.58 -6.57 7.88
CA ASN A 275 -3.21 -6.79 8.34
C ASN A 275 -3.32 -7.55 9.67
N LEU A 276 -2.44 -8.51 9.88
CA LEU A 276 -2.43 -9.34 11.10
C LEU A 276 -1.13 -9.00 11.81
N HIS A 277 -1.19 -8.42 12.99
CA HIS A 277 0.01 -7.91 13.67
C HIS A 277 -0.07 -8.14 15.17
N GLU A 278 0.93 -7.69 15.89
CA GLU A 278 0.98 -7.89 17.34
C GLU A 278 1.77 -6.74 17.94
N THR A 279 1.45 -6.42 19.18
CA THR A 279 2.13 -5.38 19.91
C THR A 279 2.17 -5.80 21.37
N GLY A 280 3.33 -5.84 22.00
CA GLY A 280 3.43 -6.30 23.38
C GLY A 280 2.85 -7.67 23.61
N GLY A 281 2.87 -8.61 22.67
CA GLY A 281 2.30 -9.93 22.81
C GLY A 281 0.80 -10.03 22.58
N LYS A 282 0.15 -8.92 22.19
CA LYS A 282 -1.29 -8.91 21.98
C LYS A 282 -1.54 -8.82 20.47
N ARG A 283 -2.37 -9.71 19.99
CA ARG A 283 -2.66 -9.80 18.57
C ARG A 283 -3.61 -8.69 18.09
N LEU A 284 -3.27 -8.08 16.96
CA LEU A 284 -4.11 -7.02 16.40
C LEU A 284 -4.55 -7.37 14.98
N THR A 285 -5.72 -6.90 14.55
CA THR A 285 -6.11 -7.00 13.15
C THR A 285 -6.61 -5.59 12.76
N GLY A 286 -6.36 -5.19 11.52
CA GLY A 286 -6.78 -3.83 11.14
C GLY A 286 -6.28 -3.52 9.74
N HIS A 287 -6.41 -2.25 9.35
CA HIS A 287 -5.90 -1.87 8.03
C HIS A 287 -5.84 -0.35 7.92
N GLY A 288 -4.97 0.10 7.01
CA GLY A 288 -4.85 1.54 6.80
C GLY A 288 -5.33 1.88 5.38
N GLY A 289 -5.41 3.17 5.07
CA GLY A 289 -5.82 3.54 3.70
C GLY A 289 -5.12 4.87 3.34
N ALA A 290 -4.84 5.02 2.05
CA ALA A 290 -4.22 6.27 1.59
C ALA A 290 -4.70 6.59 0.17
N LEU A 291 -4.72 7.86 -0.14
CA LEU A 291 -4.99 8.41 -1.46
C LEU A 291 -4.35 9.80 -1.41
N ARG A 292 -4.03 10.43 -2.53
CA ARG A 292 -3.43 11.78 -2.41
C ARG A 292 -4.38 12.65 -1.59
N GLY A 293 -3.92 13.28 -0.50
CA GLY A 293 -4.76 14.10 0.34
C GLY A 293 -5.37 13.41 1.54
N TRP A 294 -5.26 12.09 1.71
CA TRP A 294 -6.02 11.38 2.73
C TRP A 294 -5.26 10.22 3.42
N ARG A 295 -5.48 10.03 4.72
CA ARG A 295 -4.86 8.87 5.39
C ARG A 295 -5.81 8.39 6.51
N CYS A 296 -5.93 7.07 6.69
CA CYS A 296 -6.74 6.63 7.85
C CYS A 296 -6.23 5.27 8.31
N GLN A 297 -6.69 4.83 9.49
CA GLN A 297 -6.26 3.52 9.98
C GLN A 297 -7.25 3.05 11.05
N ARG A 298 -7.47 1.77 11.13
CA ARG A 298 -8.26 1.18 12.21
C ARG A 298 -7.44 0.02 12.78
N TRP A 299 -7.53 -0.23 14.10
CA TRP A 299 -6.88 -1.41 14.66
C TRP A 299 -7.86 -2.00 15.69
N HIS A 300 -7.82 -3.32 15.87
CA HIS A 300 -8.68 -3.94 16.88
C HIS A 300 -7.85 -5.01 17.60
N CYS A 301 -8.00 -5.05 18.92
CA CYS A 301 -7.33 -6.06 19.75
C CYS A 301 -8.44 -6.90 20.35
N ALA A 302 -8.62 -8.12 19.84
CA ALA A 302 -9.73 -8.96 20.32
C ALA A 302 -9.65 -9.35 21.79
N ASP A 303 -8.46 -9.63 22.32
CA ASP A 303 -8.37 -10.05 23.72
C ASP A 303 -8.84 -8.98 24.71
N GLU A 304 -8.66 -7.71 24.35
CA GLU A 304 -9.01 -6.62 25.25
C GLU A 304 -10.25 -5.86 24.76
N ARG A 305 -10.91 -6.35 23.71
CA ARG A 305 -12.11 -5.73 23.16
C ARG A 305 -11.87 -4.23 23.00
N LEU A 306 -10.81 -3.94 22.22
CA LEU A 306 -10.40 -2.53 22.09
C LEU A 306 -10.16 -2.19 20.61
N SER A 307 -10.67 -1.07 20.17
CA SER A 307 -10.45 -0.60 18.80
C SER A 307 -9.96 0.86 18.86
N THR A 308 -9.21 1.19 17.82
CA THR A 308 -8.70 2.59 17.72
C THR A 308 -8.85 2.98 16.28
N ILE A 309 -9.19 4.24 16.00
CA ILE A 309 -9.45 4.75 14.66
C ILE A 309 -8.83 6.14 14.51
N ALA A 310 -8.20 6.42 13.39
CA ALA A 310 -7.72 7.78 13.16
C ALA A 310 -7.96 8.06 11.68
N MET A 311 -8.52 9.22 11.33
CA MET A 311 -8.77 9.57 9.92
C MET A 311 -8.36 11.04 9.73
N PHE A 312 -7.50 11.32 8.75
CA PHE A 312 -7.07 12.69 8.52
C PHE A 312 -7.40 13.10 7.09
N ASN A 313 -7.60 14.41 6.88
CA ASN A 313 -7.77 14.87 5.48
C ASN A 313 -6.43 15.47 5.05
N PHE A 314 -5.31 14.80 5.38
CA PHE A 314 -4.00 15.24 4.90
C PHE A 314 -3.10 14.01 4.93
N GLU A 315 -1.86 14.16 4.46
CA GLU A 315 -1.01 12.96 4.34
C GLU A 315 -0.18 12.68 5.56
N GLY A 316 -0.61 12.98 6.79
CA GLY A 316 0.20 12.72 7.96
C GLY A 316 0.01 11.31 8.50
N GLY A 317 0.67 11.02 9.62
CA GLY A 317 0.70 9.71 10.22
C GLY A 317 -0.54 9.24 10.94
N ALA A 318 -1.67 9.09 10.23
CA ALA A 318 -2.86 8.53 10.88
C ALA A 318 -2.56 7.11 11.35
N SER A 319 -1.78 6.34 10.57
CA SER A 319 -1.52 4.96 11.02
C SER A 319 -0.71 4.97 12.32
N GLU A 320 0.30 5.84 12.42
CA GLU A 320 1.07 5.97 13.65
C GLU A 320 0.20 6.42 14.84
N VAL A 321 -0.72 7.37 14.60
CA VAL A 321 -1.66 7.78 15.66
C VAL A 321 -2.51 6.63 16.15
N ALA A 322 -3.17 5.89 15.27
CA ALA A 322 -4.02 4.79 15.69
C ALA A 322 -3.20 3.73 16.44
N PHE A 323 -2.00 3.44 15.99
CA PHE A 323 -1.14 2.47 16.66
C PHE A 323 -0.73 2.92 18.05
N LYS A 324 -0.36 4.19 18.21
CA LYS A 324 0.06 4.71 19.50
C LYS A 324 -1.14 4.75 20.45
N LEU A 325 -2.34 5.11 19.96
CA LEU A 325 -3.47 5.05 20.88
C LEU A 325 -3.65 3.62 21.40
N MET A 326 -3.54 2.64 20.50
CA MET A 326 -3.72 1.23 20.91
C MET A 326 -2.67 0.87 21.97
N ASN A 327 -1.39 1.18 21.74
CA ASN A 327 -0.35 0.86 22.73
C ASN A 327 -0.55 1.54 24.07
N ILE A 328 -0.93 2.82 24.06
CA ILE A 328 -1.28 3.54 25.28
C ILE A 328 -2.44 2.86 26.00
N ALA A 329 -3.51 2.51 25.30
CA ALA A 329 -4.65 1.84 25.94
C ALA A 329 -4.29 0.45 26.46
N LEU A 330 -3.34 -0.24 25.84
CA LEU A 330 -2.92 -1.56 26.29
C LEU A 330 -1.79 -1.46 27.32
N GLY A 331 -1.23 -0.28 27.54
CA GLY A 331 -0.14 -0.08 28.47
C GLY A 331 1.16 -0.73 27.96
N VAL A 332 1.31 -0.80 26.65
CA VAL A 332 2.51 -1.37 26.05
C VAL A 332 3.61 -0.31 26.03
N SER A 333 4.72 -0.65 26.67
CA SER A 333 5.90 0.19 26.74
C SER A 333 6.73 -0.12 25.49
N SER A 334 6.79 0.81 24.54
CA SER A 334 7.54 0.54 23.31
C SER A 334 8.97 1.01 23.55
N SER A 335 9.94 0.09 23.53
CA SER A 335 11.26 0.57 23.92
C SER A 335 12.56 0.34 23.19
N GLU A 336 13.33 1.39 23.41
CA GLU A 336 14.62 1.84 23.03
C GLU A 336 15.68 0.79 22.69
N VAL A 337 16.30 1.08 21.55
CA VAL A 337 17.36 0.27 20.99
C VAL A 337 18.71 0.96 21.12
N SER A 338 19.73 0.22 21.53
CA SER A 338 21.05 0.85 21.63
C SER A 338 21.68 0.73 20.24
N ARG A 339 22.14 1.87 19.73
CA ARG A 339 22.71 1.95 18.40
C ARG A 339 24.21 2.18 18.42
N VAL A 340 24.81 1.86 17.29
CA VAL A 340 26.24 1.96 17.04
C VAL A 340 26.47 2.86 15.85
N GLU A 341 27.68 3.34 15.64
CA GLU A 341 27.97 4.21 14.52
C GLU A 341 27.88 3.44 13.20
N ALA A 342 27.30 4.10 12.20
CA ALA A 342 27.17 3.48 10.88
C ALA A 342 28.47 3.65 10.09
N ASP A 343 29.13 2.54 9.82
CA ASP A 343 30.33 2.56 8.99
C ASP A 343 29.97 3.15 7.62
N SER A 344 30.87 3.90 7.01
CA SER A 344 30.68 4.46 5.68
C SER A 344 30.58 3.44 4.56
N ALA A 345 30.98 2.20 4.81
CA ALA A 345 30.91 1.10 3.85
C ALA A 345 29.47 0.66 3.56
N TRP A 346 28.51 1.07 4.38
CA TRP A 346 27.12 0.71 4.13
C TRP A 346 26.50 1.53 2.98
N PHE A 347 26.96 2.77 2.84
CA PHE A 347 26.31 3.74 1.98
C PHE A 347 26.44 3.49 0.49
N GLY A 348 25.36 3.75 -0.25
CA GLY A 348 25.37 3.51 -1.69
C GLY A 348 24.20 2.57 -2.04
N SER A 349 24.24 1.96 -3.21
CA SER A 349 23.16 1.09 -3.67
C SER A 349 23.66 -0.34 -3.89
N TRP A 350 22.71 -1.25 -3.68
CA TRP A 350 22.95 -2.70 -3.64
C TRP A 350 21.89 -3.39 -4.49
N LEU A 351 22.29 -4.28 -5.37
CA LEU A 351 21.35 -4.88 -6.31
C LEU A 351 21.11 -6.37 -6.17
N ASP A 352 19.86 -6.79 -6.17
CA ASP A 352 19.53 -8.21 -6.18
C ASP A 352 19.37 -8.65 -7.63
N ASP A 353 20.18 -9.62 -8.09
CA ASP A 353 20.11 -10.10 -9.44
C ASP A 353 18.84 -10.88 -9.75
N GLU A 354 18.32 -11.64 -8.80
CA GLU A 354 17.15 -12.47 -9.04
C GLU A 354 15.90 -11.65 -9.38
N THR A 355 15.63 -10.63 -8.58
CA THR A 355 14.44 -9.78 -8.62
C THR A 355 14.60 -8.47 -9.34
N GLY A 356 15.83 -7.95 -9.45
CA GLY A 356 16.04 -6.65 -10.11
C GLY A 356 15.81 -5.49 -9.14
N LEU A 357 15.56 -5.79 -7.86
CA LEU A 357 15.31 -4.72 -6.89
C LEU A 357 16.62 -4.16 -6.36
N VAL A 358 16.54 -2.94 -5.86
CA VAL A 358 17.71 -2.22 -5.37
C VAL A 358 17.47 -1.68 -3.98
N LEU A 359 18.51 -1.70 -3.16
CA LEU A 359 18.43 -1.10 -1.83
C LEU A 359 19.39 0.09 -1.84
N SER A 360 18.98 1.27 -1.38
CA SER A 360 19.95 2.39 -1.31
C SER A 360 20.02 2.82 0.15
N LEU A 361 21.21 3.11 0.66
CA LEU A 361 21.39 3.48 2.04
C LEU A 361 22.12 4.83 2.18
N GLU A 362 21.65 5.63 3.14
CA GLU A 362 22.34 6.90 3.40
C GLU A 362 22.31 7.19 4.88
N ASP A 363 23.23 8.03 5.33
CA ASP A 363 23.33 8.37 6.76
C ASP A 363 22.10 9.13 7.20
N ALA A 364 21.48 8.82 8.34
CA ALA A 364 20.34 9.57 8.82
C ALA A 364 20.69 10.11 10.22
N GLY A 365 21.98 10.10 10.49
CA GLY A 365 22.54 10.59 11.71
C GLY A 365 22.96 9.47 12.64
N HIS A 366 22.76 9.80 13.90
CA HIS A 366 22.97 9.08 15.11
C HIS A 366 22.76 7.59 15.16
N GLY A 367 23.52 6.76 14.48
CA GLY A 367 23.34 5.30 14.52
C GLY A 367 22.10 4.87 13.74
N ARG A 368 21.71 5.71 12.77
CA ARG A 368 20.52 5.47 11.95
C ARG A 368 20.81 5.69 10.48
N MET A 369 20.10 4.91 9.64
CA MET A 369 20.27 5.03 8.20
C MET A 369 18.86 5.13 7.55
N LYS A 370 18.85 5.84 6.44
CA LYS A 370 17.59 5.97 5.68
C LYS A 370 17.75 4.93 4.56
N ALA A 371 16.83 4.00 4.48
CA ALA A 371 16.87 2.95 3.48
C ALA A 371 15.76 3.16 2.45
N ARG A 372 16.08 2.93 1.18
CA ARG A 372 15.07 3.05 0.12
C ARG A 372 15.07 1.68 -0.57
N PHE A 373 14.01 0.93 -0.34
CA PHE A 373 13.94 -0.41 -0.92
C PHE A 373 12.49 -0.74 -1.30
N GLY A 374 11.60 -0.57 -0.33
CA GLY A 374 10.18 -0.86 -0.47
C GLY A 374 9.45 0.31 -1.14
N THR A 375 8.12 0.35 -1.00
CA THR A 375 7.43 1.48 -1.66
C THR A 375 7.75 2.81 -0.98
N SER A 376 7.92 2.81 0.34
CA SER A 376 8.32 4.04 1.04
C SER A 376 9.65 3.81 1.72
N PRO A 377 10.43 4.86 1.96
CA PRO A 377 11.70 4.73 2.65
C PRO A 377 11.47 4.27 4.10
N GLU A 378 12.45 3.67 4.75
CA GLU A 378 12.28 3.25 6.13
C GLU A 378 13.53 3.62 6.91
N MET A 379 13.37 3.94 8.18
CA MET A 379 14.51 4.27 9.04
C MET A 379 15.05 3.02 9.71
N MET A 380 16.36 2.80 9.60
CA MET A 380 16.97 1.62 10.17
C MET A 380 17.89 1.98 11.34
N ASP A 381 17.80 1.19 12.40
CA ASP A 381 18.74 1.38 13.52
C ASP A 381 19.97 0.50 13.27
N VAL A 382 21.18 1.02 13.43
CA VAL A 382 22.39 0.24 13.24
C VAL A 382 22.68 -0.38 14.63
N VAL A 383 22.46 -1.68 14.76
CA VAL A 383 22.56 -2.31 16.07
C VAL A 383 23.92 -2.94 16.35
N SER A 384 24.73 -3.10 15.33
CA SER A 384 26.06 -3.71 15.48
C SER A 384 26.84 -3.26 14.26
N ALA A 385 28.13 -3.53 14.17
CA ALA A 385 28.94 -3.12 13.04
C ALA A 385 28.37 -3.50 11.68
N ASN A 386 27.83 -4.69 11.53
CA ASN A 386 27.36 -5.22 10.27
C ASN A 386 25.86 -5.55 10.22
N GLU A 387 25.06 -5.05 11.13
CA GLU A 387 23.64 -5.37 11.15
C GLU A 387 22.78 -4.13 11.43
N ALA A 388 21.72 -3.96 10.65
CA ALA A 388 20.79 -2.86 10.84
C ALA A 388 19.35 -3.35 10.66
N ARG A 389 18.43 -2.65 11.33
CA ARG A 389 17.05 -3.11 11.16
C ARG A 389 16.03 -2.00 11.36
N SER A 390 14.94 -2.23 10.64
CA SER A 390 13.73 -1.42 10.80
C SER A 390 12.70 -2.38 11.43
N ALA A 391 11.46 -1.99 11.62
CA ALA A 391 10.47 -2.90 12.19
C ALA A 391 10.16 -4.06 11.22
N VAL A 392 10.36 -3.87 9.93
CA VAL A 392 10.03 -4.85 8.90
C VAL A 392 11.24 -5.51 8.26
N THR A 393 12.37 -4.79 8.14
CA THR A 393 13.50 -5.36 7.42
C THR A 393 14.81 -5.38 8.18
N THR A 394 15.52 -6.50 7.99
CA THR A 394 16.83 -6.65 8.61
C THR A 394 17.86 -6.77 7.52
N ILE A 395 19.01 -6.11 7.68
CA ILE A 395 20.05 -6.21 6.69
C ILE A 395 21.38 -6.53 7.40
N ARG A 396 22.15 -7.37 6.74
CA ARG A 396 23.46 -7.77 7.30
C ARG A 396 24.47 -7.60 6.19
N ARG A 397 25.57 -6.91 6.50
CA ARG A 397 26.58 -6.66 5.49
C ARG A 397 27.81 -7.53 5.70
N ASP A 398 28.28 -8.07 4.60
CA ASP A 398 29.50 -8.88 4.60
C ASP A 398 30.33 -8.45 3.39
N GLY A 399 31.24 -7.50 3.57
CA GLY A 399 32.04 -7.09 2.43
C GLY A 399 31.17 -6.43 1.35
N GLU A 400 31.19 -6.97 0.14
CA GLU A 400 30.46 -6.34 -0.95
C GLU A 400 29.07 -6.93 -1.20
N THR A 401 28.55 -7.62 -0.18
CA THR A 401 27.22 -8.20 -0.27
C THR A 401 26.40 -7.82 0.95
N ILE A 402 25.10 -7.66 0.72
CA ILE A 402 24.19 -7.42 1.85
C ILE A 402 23.13 -8.53 1.76
N GLU A 403 22.75 -9.07 2.91
CA GLU A 403 21.64 -10.02 2.93
C GLU A 403 20.41 -9.23 3.43
N LEU A 404 19.30 -9.23 2.67
CA LEU A 404 18.17 -8.43 3.18
C LEU A 404 17.02 -9.42 3.41
N VAL A 405 16.40 -9.31 4.57
CA VAL A 405 15.32 -10.20 4.95
C VAL A 405 14.10 -9.42 5.39
N ARG A 406 12.95 -9.75 4.82
CA ARG A 406 11.68 -9.23 5.34
C ARG A 406 10.91 -10.50 5.71
N ALA A 407 11.15 -10.97 6.93
CA ALA A 407 10.55 -12.24 7.38
C ALA A 407 9.05 -12.26 7.26
N SER A 408 8.32 -11.16 7.45
CA SER A 408 6.86 -11.19 7.32
C SER A 408 6.40 -11.39 5.89
N GLU A 409 7.23 -11.10 4.89
CA GLU A 409 6.87 -11.33 3.49
C GLU A 409 7.35 -12.66 2.96
N ASN A 410 8.11 -13.40 3.75
CA ASN A 410 8.79 -14.64 3.35
C ASN A 410 9.88 -14.29 2.31
N LEU A 411 10.50 -13.11 2.40
CA LEU A 411 11.45 -12.60 1.43
C LEU A 411 12.89 -12.53 1.94
N ARG A 412 13.82 -13.03 1.13
CA ARG A 412 15.23 -12.99 1.50
C ARG A 412 16.01 -12.74 0.23
N LEU A 413 16.79 -11.66 0.20
CA LEU A 413 17.53 -11.36 -1.02
C LEU A 413 19.03 -11.30 -0.71
N SER A 414 19.84 -11.58 -1.73
CA SER A 414 21.30 -11.45 -1.59
C SER A 414 21.69 -10.34 -2.57
N MET A 415 22.19 -9.21 -2.06
CA MET A 415 22.41 -8.05 -2.93
C MET A 415 23.88 -7.66 -2.98
N LYS A 416 24.37 -7.32 -4.16
CA LYS A 416 25.77 -6.94 -4.34
C LYS A 416 25.89 -5.43 -4.53
N ARG A 417 26.99 -4.88 -4.00
CA ARG A 417 27.21 -3.45 -4.07
C ARG A 417 27.25 -3.05 -5.55
N VAL A 418 26.57 -1.95 -5.88
CA VAL A 418 26.57 -1.50 -7.29
C VAL A 418 27.70 -0.49 -7.43
N LYS A 419 28.49 -0.61 -8.49
CA LYS A 419 29.60 0.34 -8.65
C LYS A 419 29.79 0.78 -10.09
N GLY A 420 30.85 1.55 -10.36
CA GLY A 420 31.16 1.95 -11.72
C GLY A 420 30.41 3.20 -12.13
N GLU A 421 30.77 3.70 -13.30
CA GLU A 421 30.19 4.90 -13.89
C GLU A 421 29.16 4.41 -14.91
N ALA A 422 27.99 4.99 -14.95
CA ALA A 422 26.98 4.48 -15.88
C ALA A 422 27.12 5.10 -17.27
N LYS A 423 27.18 4.24 -18.27
CA LYS A 423 27.25 4.75 -19.65
C LYS A 423 25.90 5.35 -20.04
N HIS A 424 25.94 6.39 -20.86
CA HIS A 424 24.74 7.05 -21.35
C HIS A 424 24.24 6.57 -22.69
N ASP A 425 24.61 5.34 -23.10
CA ASP A 425 24.11 4.75 -24.33
C ASP A 425 22.78 4.03 -24.10
N ILE A 426 22.20 4.22 -22.89
CA ILE A 426 20.88 3.65 -22.61
C ILE A 426 19.74 4.39 -23.30
N ILE A 427 19.99 5.56 -23.89
CA ILE A 427 18.89 6.30 -24.54
C ILE A 427 18.30 5.47 -25.68
N GLY A 428 17.00 5.67 -25.94
CA GLY A 428 16.34 4.89 -27.01
C GLY A 428 14.92 4.58 -26.56
N ARG A 429 14.25 3.68 -27.27
CA ARG A 429 12.86 3.35 -26.92
C ARG A 429 12.81 1.87 -26.61
N TYR A 430 12.06 1.51 -25.58
CA TYR A 430 11.96 0.13 -25.09
C TYR A 430 10.48 -0.25 -25.02
N HIS A 431 10.20 -1.54 -25.23
CA HIS A 431 8.78 -1.94 -25.24
C HIS A 431 8.48 -3.11 -24.33
N SER A 432 7.37 -3.08 -23.62
CA SER A 432 6.94 -4.20 -22.76
C SER A 432 5.83 -4.94 -23.55
N ASP A 433 6.07 -6.18 -23.96
CA ASP A 433 5.03 -6.92 -24.70
C ASP A 433 3.79 -7.21 -23.88
N GLU A 434 3.94 -7.54 -22.60
CA GLU A 434 2.79 -7.85 -21.77
C GLU A 434 1.91 -6.63 -21.53
N LEU A 435 2.48 -5.44 -21.31
CA LEU A 435 1.64 -4.26 -21.08
C LEU A 435 1.26 -3.53 -22.37
N ASP A 436 1.96 -3.81 -23.44
CA ASP A 436 1.85 -3.07 -24.70
C ASP A 436 2.21 -1.60 -24.43
N ALA A 437 3.33 -1.36 -23.74
CA ALA A 437 3.71 -0.01 -23.32
C ALA A 437 5.18 0.23 -23.59
N ASP A 438 5.51 1.51 -23.82
CA ASP A 438 6.88 1.89 -24.13
C ASP A 438 7.47 2.78 -23.04
N LEU A 439 8.77 2.75 -22.95
CA LEU A 439 9.56 3.61 -22.09
C LEU A 439 10.52 4.33 -23.05
N LEU A 440 10.48 5.64 -23.06
CA LEU A 440 11.33 6.43 -23.95
C LEU A 440 12.38 7.12 -23.09
N LEU A 441 13.64 7.00 -23.40
CA LEU A 441 14.74 7.58 -22.65
C LEU A 441 15.57 8.49 -23.57
N VAL A 442 15.73 9.72 -23.13
CA VAL A 442 16.39 10.72 -23.96
C VAL A 442 17.44 11.47 -23.14
N SER A 443 18.39 12.09 -23.86
CA SER A 443 19.39 12.91 -23.18
C SER A 443 19.09 14.39 -23.46
N GLU A 444 19.10 15.27 -22.47
CA GLU A 444 18.92 16.71 -22.70
C GLU A 444 20.09 17.42 -22.03
N GLY A 445 21.13 17.71 -22.79
CA GLY A 445 22.31 18.36 -22.19
C GLY A 445 23.12 17.37 -21.36
N GLY A 446 23.03 16.05 -21.59
CA GLY A 446 23.84 15.10 -20.81
C GLY A 446 23.04 14.47 -19.66
N ALA A 447 21.87 15.02 -19.35
CA ALA A 447 21.03 14.55 -18.26
C ALA A 447 19.92 13.65 -18.87
N ILE A 448 19.74 12.46 -18.32
CA ILE A 448 18.77 11.54 -18.95
C ILE A 448 17.38 11.65 -18.33
N TYR A 449 16.34 11.64 -19.18
CA TYR A 449 14.96 11.76 -18.73
C TYR A 449 14.16 10.62 -19.37
N GLY A 450 13.03 10.24 -18.76
CA GLY A 450 12.27 9.15 -19.36
C GLY A 450 10.77 9.46 -19.36
N ALA A 451 10.02 8.81 -20.25
CA ALA A 451 8.57 9.00 -20.23
C ALA A 451 7.91 7.64 -20.47
N PHE A 452 6.75 7.42 -19.89
CA PHE A 452 6.00 6.16 -20.02
C PHE A 452 4.88 6.41 -21.02
N GLU A 453 4.76 5.55 -22.04
CA GLU A 453 3.75 5.79 -23.07
C GLU A 453 2.95 4.51 -23.31
N GLY A 454 1.64 4.57 -23.06
CA GLY A 454 0.87 3.31 -23.26
C GLY A 454 -0.58 3.65 -23.51
N PHE A 455 -1.47 2.71 -23.17
CA PHE A 455 -2.88 2.92 -23.53
C PHE A 455 -3.59 3.99 -22.74
N LEU A 456 -3.05 4.40 -21.57
CA LEU A 456 -3.65 5.47 -20.79
C LEU A 456 -3.15 6.85 -21.17
N GLY A 457 -2.10 6.97 -21.97
CA GLY A 457 -1.61 8.28 -22.38
C GLY A 457 -0.09 8.29 -22.45
N LYS A 458 0.44 9.50 -22.57
CA LYS A 458 1.88 9.71 -22.62
C LYS A 458 2.23 10.53 -21.39
N SER A 459 3.15 10.03 -20.56
CA SER A 459 3.46 10.79 -19.35
C SER A 459 4.35 12.00 -19.63
N ASP A 460 4.54 12.80 -18.59
CA ASP A 460 5.51 13.88 -18.63
C ASP A 460 6.90 13.23 -18.61
N MET A 461 7.95 13.98 -18.94
CA MET A 461 9.31 13.51 -18.82
C MET A 461 9.73 13.53 -17.35
N TYR A 462 10.46 12.51 -16.91
CA TYR A 462 10.93 12.42 -15.54
C TYR A 462 12.45 12.21 -15.59
N PRO A 463 13.21 12.91 -14.75
CA PRO A 463 14.62 12.69 -14.65
C PRO A 463 14.99 11.30 -14.13
N LEU A 464 16.06 10.71 -14.62
CA LEU A 464 16.57 9.44 -14.09
C LEU A 464 17.91 9.67 -13.40
N TYR A 465 18.30 8.86 -12.42
CA TYR A 465 19.55 9.06 -11.69
C TYR A 465 20.36 7.76 -11.69
N SER A 466 21.62 7.79 -12.11
CA SER A 466 22.38 6.52 -12.11
C SER A 466 22.99 6.26 -10.74
N VAL A 467 23.08 4.99 -10.37
CA VAL A 467 23.74 4.68 -9.09
C VAL A 467 24.97 3.80 -9.34
N GLY A 468 25.17 3.28 -10.53
CA GLY A 468 26.37 2.49 -10.85
C GLY A 468 26.22 2.02 -12.29
N SER A 469 27.13 1.21 -12.83
CA SER A 469 26.96 0.79 -14.21
C SER A 469 25.65 0.08 -14.47
N ASP A 470 24.90 0.59 -15.43
CA ASP A 470 23.67 0.02 -15.91
C ASP A 470 22.58 -0.13 -14.84
N VAL A 471 22.61 0.64 -13.77
CA VAL A 471 21.56 0.57 -12.76
C VAL A 471 21.12 2.01 -12.49
N TRP A 472 19.85 2.31 -12.78
CA TRP A 472 19.35 3.64 -12.65
C TRP A 472 18.06 3.71 -11.83
N LEU A 473 17.81 4.84 -11.19
CA LEU A 473 16.59 5.04 -10.41
C LEU A 473 15.70 6.05 -11.14
N LEU A 474 14.39 5.78 -11.12
CA LEU A 474 13.44 6.73 -11.72
C LEU A 474 12.34 7.00 -10.67
N PRO A 475 12.45 8.04 -9.88
CA PRO A 475 11.46 8.34 -8.87
C PRO A 475 10.15 8.83 -9.47
N VAL A 476 9.02 8.35 -8.95
CA VAL A 476 7.71 8.84 -9.41
C VAL A 476 7.00 9.17 -8.09
N GLN A 477 6.81 10.45 -7.82
CA GLN A 477 6.37 10.86 -6.48
C GLN A 477 4.87 10.98 -6.32
N ARG A 478 4.16 11.14 -7.43
CA ARG A 478 2.70 11.32 -7.38
C ARG A 478 2.06 10.47 -8.46
N SER A 479 0.96 9.78 -8.14
CA SER A 479 0.34 8.87 -9.12
C SER A 479 -1.13 8.77 -8.80
N MET A 480 -1.89 7.94 -9.54
CA MET A 480 -3.33 7.84 -9.27
C MET A 480 -3.63 7.33 -7.86
N ASP A 481 -2.86 6.34 -7.41
CA ASP A 481 -3.09 5.81 -6.05
C ASP A 481 -1.98 6.33 -5.13
N ALA A 482 -2.15 6.12 -3.83
CA ALA A 482 -1.13 6.49 -2.86
C ALA A 482 -0.75 5.27 -2.07
N PRO A 483 0.35 5.26 -1.38
CA PRO A 483 1.62 5.76 -1.82
C PRO A 483 1.87 5.55 -3.31
N SER A 484 2.65 6.43 -3.92
CA SER A 484 3.08 6.22 -5.32
C SER A 484 4.09 5.08 -5.30
N PRO A 485 4.54 4.58 -6.47
CA PRO A 485 5.43 3.44 -6.51
C PRO A 485 6.75 3.71 -5.80
N GLY A 486 7.20 4.96 -5.70
CA GLY A 486 8.44 5.30 -5.01
C GLY A 486 9.54 5.49 -6.08
N GLU A 487 10.49 4.58 -6.17
CA GLU A 487 11.50 4.63 -7.21
C GLU A 487 11.42 3.37 -8.09
N TRP A 488 11.25 3.55 -9.40
CA TRP A 488 11.39 2.40 -10.29
C TRP A 488 12.89 2.12 -10.45
N LYS A 489 13.26 0.86 -10.41
CA LYS A 489 14.65 0.41 -10.54
C LYS A 489 14.84 -0.13 -11.96
N LEU A 490 15.72 0.48 -12.73
CA LEU A 490 15.98 0.11 -14.11
C LEU A 490 17.34 -0.59 -14.17
N VAL A 491 17.33 -1.85 -14.59
CA VAL A 491 18.58 -2.62 -14.62
C VAL A 491 18.78 -3.08 -16.06
N PHE A 492 19.78 -2.52 -16.74
CA PHE A 492 19.94 -2.81 -18.16
C PHE A 492 20.73 -4.09 -18.41
N ARG A 493 20.40 -4.73 -19.51
CA ARG A 493 21.06 -5.99 -19.88
C ARG A 493 21.82 -5.80 -21.19
N ARG A 494 22.99 -6.39 -21.32
CA ARG A 494 23.75 -6.23 -22.56
C ARG A 494 24.13 -7.61 -23.12
N ASP A 495 24.43 -7.61 -24.40
CA ASP A 495 25.02 -8.66 -25.17
C ASP A 495 26.45 -9.00 -24.74
N ASP A 496 26.99 -9.98 -25.47
CA ASP A 496 28.39 -10.35 -25.34
C ASP A 496 29.23 -9.30 -26.08
N LYS A 497 28.63 -8.58 -27.01
CA LYS A 497 29.24 -7.48 -27.72
C LYS A 497 29.13 -6.17 -26.94
N GLY A 498 28.37 -6.13 -25.85
CA GLY A 498 28.26 -4.90 -25.07
C GLY A 498 27.10 -4.03 -25.51
N GLU A 499 26.23 -4.55 -26.37
CA GLU A 499 25.07 -3.84 -26.87
C GLU A 499 23.89 -4.03 -25.91
N ILE A 500 23.10 -3.00 -25.66
CA ILE A 500 21.92 -3.18 -24.81
C ILE A 500 20.81 -3.92 -25.53
N THR A 501 20.25 -4.98 -24.95
CA THR A 501 19.14 -5.67 -25.57
C THR A 501 17.81 -5.35 -24.86
N GLY A 502 17.91 -4.94 -23.60
CA GLY A 502 16.67 -4.66 -22.87
C GLY A 502 16.99 -4.33 -21.42
N LEU A 503 15.91 -4.35 -20.63
CA LEU A 503 16.07 -4.02 -19.23
C LEU A 503 14.87 -4.51 -18.42
N SER A 504 15.13 -4.56 -17.12
CA SER A 504 14.10 -4.92 -16.14
C SER A 504 13.63 -3.62 -15.49
N VAL A 505 12.35 -3.38 -15.37
CA VAL A 505 11.83 -2.19 -14.70
C VAL A 505 11.05 -2.71 -13.50
N GLY A 506 11.36 -2.29 -12.28
CA GLY A 506 10.54 -2.81 -11.18
C GLY A 506 10.59 -1.98 -9.92
N CYS A 507 9.63 -2.28 -9.05
CA CYS A 507 9.58 -1.69 -7.71
C CYS A 507 8.95 -2.79 -6.84
N TRP A 508 8.91 -2.65 -5.55
CA TRP A 508 8.33 -3.69 -4.69
C TRP A 508 6.90 -4.06 -5.07
N LEU A 509 6.06 -3.10 -5.48
CA LEU A 509 4.67 -3.42 -5.85
C LEU A 509 4.54 -4.17 -7.16
N ALA A 510 5.56 -4.05 -8.04
CA ALA A 510 5.52 -4.65 -9.37
C ALA A 510 6.95 -4.91 -9.88
N ARG A 511 7.38 -6.16 -9.68
CA ARG A 511 8.76 -6.51 -9.94
C ARG A 511 9.07 -7.13 -11.28
N GLY A 512 10.27 -6.82 -11.78
CA GLY A 512 10.73 -7.51 -12.99
C GLY A 512 9.86 -7.33 -14.22
N VAL A 513 9.46 -6.09 -14.52
CA VAL A 513 8.70 -5.95 -15.77
C VAL A 513 9.74 -5.89 -16.90
N GLU A 514 9.76 -6.88 -17.79
CA GLU A 514 10.78 -6.92 -18.83
C GLU A 514 10.44 -6.04 -20.03
N TYR A 515 11.40 -5.27 -20.49
CA TYR A 515 11.27 -4.43 -21.67
C TYR A 515 12.38 -4.78 -22.67
N ARG A 516 12.05 -4.73 -23.96
CA ARG A 516 13.08 -5.03 -24.96
C ARG A 516 13.42 -3.74 -25.70
N ARG A 517 14.68 -3.55 -26.09
CA ARG A 517 15.05 -2.35 -26.84
C ARG A 517 14.44 -2.41 -28.23
N VAL A 518 13.81 -1.34 -28.67
CA VAL A 518 13.20 -1.34 -30.01
C VAL A 518 13.72 -0.14 -30.83
N GLN A 519 14.21 0.87 -30.13
CA GLN A 519 14.73 2.12 -30.69
C GLN A 519 16.07 2.37 -30.02
N PRO A 520 16.71 3.42 -30.65
CA PRO A 520 18.10 3.77 -30.29
C PRO A 520 18.82 2.84 -29.37
#